data_5PO3
#
_entry.id   5PO3
#
_cell.length_a   55.177
_cell.length_b   56.290
_cell.length_c   101.542
_cell.angle_alpha   90.000
_cell.angle_beta   90.000
_cell.angle_gamma   90.000
#
_symmetry.space_group_name_H-M   'P 21 21 21'
#
loop_
_entity.id
_entity.type
_entity.pdbx_description
1 polymer 'Bromodomain-containing protein 1'
2 non-polymer 1,2-ETHANEDIOL
3 non-polymer 'SODIUM ION'
4 non-polymer N-(3-methyl-1,2-oxazol-5-yl)furan-2-carboxamide
5 water water
#
_entity_poly.entity_id   1
_entity_poly.type   'polypeptide(L)'
_entity_poly.pdbx_seq_one_letter_code
;MHHHHHHSSGVDLGTENLYFQSMEQVAMELRLTELTRLLRSVLDQLQDKDPARIFAQPVSLKEVPDYLDHIKHPMDFATM
RKRLEAQGYKNLHEFEEDFDLIIDNCMKYNARDTVFYRAAVRLRDQGGVVLRQARREVDSIGLEEASGMHLPERPA
;
_entity_poly.pdbx_strand_id   A,B
#
# COMPACT_ATOMS: atom_id res chain seq x y z
N SER A 22 17.69 -15.51 28.54
CA SER A 22 16.81 -15.17 29.64
C SER A 22 15.45 -15.85 29.51
N MET A 23 14.70 -15.88 30.60
CA MET A 23 13.37 -16.49 30.58
CA MET A 23 13.36 -16.47 30.59
C MET A 23 12.38 -15.61 29.80
N GLU A 24 12.55 -14.30 29.92
CA GLU A 24 11.70 -13.35 29.19
C GLU A 24 11.85 -13.55 27.67
N GLN A 25 13.08 -13.74 27.21
CA GLN A 25 13.33 -13.95 25.78
C GLN A 25 12.65 -15.23 25.30
N VAL A 26 12.69 -16.28 26.11
CA VAL A 26 11.99 -17.54 25.79
C VAL A 26 10.47 -17.39 25.72
N ALA A 27 9.91 -16.63 26.64
CA ALA A 27 8.47 -16.37 26.64
C ALA A 27 8.05 -15.67 25.35
N MET A 28 8.83 -14.66 24.95
CA MET A 28 8.57 -13.93 23.71
C MET A 28 8.63 -14.86 22.52
N GLU A 29 9.62 -15.74 22.52
CA GLU A 29 9.78 -16.67 21.42
C GLU A 29 8.62 -17.67 21.36
N LEU A 30 8.09 -18.03 22.52
CA LEU A 30 6.92 -18.91 22.56
C LEU A 30 5.70 -18.20 21.96
N ARG A 31 5.57 -16.91 22.25
CA ARG A 31 4.46 -16.13 21.72
C ARG A 31 4.58 -16.06 20.20
N LEU A 32 5.79 -15.77 19.71
CA LEU A 32 6.04 -15.72 18.28
C LEU A 32 5.74 -17.07 17.63
N THR A 33 6.15 -18.15 18.28
CA THR A 33 5.86 -19.50 17.78
C THR A 33 4.35 -19.74 17.73
N GLU A 34 3.65 -19.30 18.76
CA GLU A 34 2.20 -19.43 18.80
C GLU A 34 1.53 -18.62 17.68
N LEU A 35 2.02 -17.41 17.47
CA LEU A 35 1.51 -16.56 16.40
C LEU A 35 1.71 -17.24 15.05
N THR A 36 2.91 -17.80 14.86
CA THR A 36 3.25 -18.49 13.62
C THR A 36 2.31 -19.66 13.38
N ARG A 37 1.97 -20.38 14.45
CA ARG A 37 1.01 -21.47 14.35
C ARG A 37 -0.36 -20.98 13.87
N LEU A 38 -0.83 -19.88 14.44
CA LEU A 38 -2.13 -19.33 14.06
C LEU A 38 -2.10 -18.83 12.61
N LEU A 39 -1.02 -18.14 12.23
CA LEU A 39 -0.88 -17.62 10.86
C LEU A 39 -0.77 -18.74 9.82
N ARG A 40 -0.18 -19.86 10.20
CA ARG A 40 -0.10 -20.99 9.29
C ARG A 40 -1.51 -21.51 8.97
N SER A 41 -2.38 -21.52 9.98
CA SER A 41 -3.77 -21.91 9.79
C SER A 41 -4.51 -20.88 8.94
N VAL A 42 -4.30 -19.59 9.23
CA VAL A 42 -4.86 -18.52 8.41
C VAL A 42 -4.41 -18.64 6.95
N LEU A 43 -3.11 -18.90 6.74
CA LEU A 43 -2.59 -19.00 5.38
C LEU A 43 -3.26 -20.17 4.66
N ASP A 44 -3.43 -21.28 5.34
CA ASP A 44 -4.06 -22.43 4.71
C ASP A 44 -5.50 -22.14 4.34
N GLN A 45 -6.21 -21.43 5.21
CA GLN A 45 -7.59 -21.08 4.94
C GLN A 45 -7.71 -20.10 3.76
N LEU A 46 -6.80 -19.14 3.71
CA LEU A 46 -6.80 -18.17 2.62
C LEU A 46 -6.51 -18.84 1.28
N GLN A 47 -5.54 -19.74 1.27
CA GLN A 47 -5.13 -20.38 0.03
C GLN A 47 -6.22 -21.33 -0.50
N ASP A 48 -7.10 -21.78 0.38
CA ASP A 48 -8.23 -22.60 -0.06
C ASP A 48 -9.23 -21.79 -0.87
N LYS A 49 -9.18 -20.47 -0.72
CA LYS A 49 -10.06 -19.58 -1.47
C LYS A 49 -9.50 -19.28 -2.85
N ASP A 50 -8.39 -19.93 -3.19
CA ASP A 50 -7.73 -19.81 -4.50
C ASP A 50 -7.57 -21.20 -5.10
N PRO A 51 -8.70 -21.88 -5.39
CA PRO A 51 -8.59 -23.27 -5.84
C PRO A 51 -7.90 -23.38 -7.20
N ALA A 52 -7.98 -22.32 -8.00
CA ALA A 52 -7.32 -22.28 -9.30
C ALA A 52 -5.79 -22.20 -9.17
N ARG A 53 -5.31 -21.90 -7.96
CA ARG A 53 -3.88 -21.75 -7.65
C ARG A 53 -3.18 -20.66 -8.48
N ILE A 54 -3.93 -19.60 -8.74
CA ILE A 54 -3.41 -18.45 -9.49
C ILE A 54 -2.34 -17.70 -8.69
N PHE A 55 -2.45 -17.75 -7.37
CA PHE A 55 -1.56 -16.99 -6.49
C PHE A 55 -0.55 -17.85 -5.72
N ALA A 56 -0.44 -19.10 -6.13
CA ALA A 56 0.37 -20.10 -5.43
C ALA A 56 1.88 -19.87 -5.51
N GLN A 57 2.35 -19.37 -6.64
CA GLN A 57 3.78 -19.23 -6.91
C GLN A 57 4.11 -17.82 -7.42
N PRO A 58 5.37 -17.39 -7.30
CA PRO A 58 5.66 -16.06 -7.85
C PRO A 58 5.44 -16.00 -9.35
N VAL A 59 5.04 -14.83 -9.84
CA VAL A 59 4.94 -14.61 -11.28
C VAL A 59 6.32 -14.86 -11.91
N SER A 60 6.35 -15.69 -12.95
CA SER A 60 7.59 -16.01 -13.66
C SER A 60 8.11 -14.89 -14.54
N LEU A 61 9.35 -14.47 -14.30
CA LEU A 61 9.93 -13.40 -15.09
C LEU A 61 10.33 -13.92 -16.46
N LYS A 62 10.34 -15.24 -16.63
CA LYS A 62 10.61 -15.82 -17.94
C LYS A 62 9.36 -15.74 -18.82
N GLU A 63 8.20 -15.90 -18.21
CA GLU A 63 6.95 -15.86 -18.93
C GLU A 63 6.33 -14.46 -18.96
N VAL A 64 6.69 -13.64 -17.98
CA VAL A 64 6.26 -12.24 -17.94
C VAL A 64 7.47 -11.34 -17.71
N PRO A 65 8.28 -11.14 -18.77
CA PRO A 65 9.58 -10.48 -18.65
C PRO A 65 9.50 -9.03 -18.17
N ASP A 66 8.39 -8.33 -18.41
CA ASP A 66 8.31 -6.92 -18.00
C ASP A 66 7.69 -6.73 -16.61
N TYR A 67 7.45 -7.82 -15.88
CA TYR A 67 6.63 -7.73 -14.66
C TYR A 67 7.16 -6.69 -13.65
N LEU A 68 8.48 -6.65 -13.46
CA LEU A 68 9.06 -5.78 -12.44
C LEU A 68 9.05 -4.30 -12.83
N ASP A 69 8.81 -4.02 -14.11
CA ASP A 69 8.58 -2.64 -14.54
C ASP A 69 7.23 -2.13 -14.04
N HIS A 70 6.31 -3.07 -13.80
CA HIS A 70 4.95 -2.75 -13.39
C HIS A 70 4.77 -2.85 -11.88
N ILE A 71 5.23 -3.95 -11.34
CA ILE A 71 5.00 -4.32 -9.95
C ILE A 71 6.31 -4.29 -9.16
N LYS A 72 6.39 -3.41 -8.17
CA LYS A 72 7.65 -3.18 -7.47
C LYS A 72 7.90 -4.15 -6.34
N HIS A 73 6.83 -4.72 -5.79
CA HIS A 73 6.95 -5.69 -4.71
C HIS A 73 6.07 -6.92 -4.94
N PRO A 74 6.54 -7.84 -5.78
CA PRO A 74 5.80 -9.08 -6.05
C PRO A 74 5.56 -9.89 -4.80
N MET A 75 4.44 -10.62 -4.77
CA MET A 75 4.16 -11.49 -3.64
C MET A 75 3.29 -12.65 -4.11
N ASP A 76 3.32 -13.74 -3.34
CA ASP A 76 2.60 -14.97 -3.67
C ASP A 76 2.54 -15.84 -2.42
N PHE A 77 1.71 -16.88 -2.44
CA PHE A 77 1.53 -17.72 -1.25
C PHE A 77 2.80 -18.51 -0.87
N ALA A 78 3.57 -18.97 -1.86
CA ALA A 78 4.78 -19.72 -1.55
C ALA A 78 5.81 -18.84 -0.83
N THR A 79 5.95 -17.62 -1.29
CA THR A 79 6.88 -16.67 -0.68
C THR A 79 6.42 -16.32 0.75
N MET A 80 5.12 -16.15 0.95
CA MET A 80 4.59 -15.92 2.30
C MET A 80 4.92 -17.09 3.21
N ARG A 81 4.73 -18.30 2.70
CA ARG A 81 4.92 -19.49 3.52
C ARG A 81 6.39 -19.63 3.94
N LYS A 82 7.30 -19.25 3.05
CA LYS A 82 8.72 -19.25 3.39
C LYS A 82 9.02 -18.33 4.56
N ARG A 83 8.50 -17.11 4.48
CA ARG A 83 8.72 -16.13 5.55
C ARG A 83 8.08 -16.60 6.84
N LEU A 84 6.90 -17.21 6.71
CA LEU A 84 6.16 -17.71 7.86
C LEU A 84 6.95 -18.76 8.63
N GLU A 85 7.53 -19.73 7.92
CA GLU A 85 8.24 -20.83 8.57
C GLU A 85 9.58 -20.38 9.18
N ALA A 86 10.05 -19.23 8.75
CA ALA A 86 11.22 -18.60 9.36
C ALA A 86 10.79 -17.69 10.51
N GLN A 87 9.53 -17.82 10.91
CA GLN A 87 8.92 -16.95 11.94
C GLN A 87 9.19 -15.48 11.64
N GLY A 88 9.01 -15.09 10.38
CA GLY A 88 9.31 -13.75 9.92
C GLY A 88 8.15 -12.77 9.98
N TYR A 89 6.99 -13.21 10.43
CA TYR A 89 5.88 -12.29 10.68
C TYR A 89 5.76 -12.01 12.18
N LYS A 90 6.04 -10.78 12.59
CA LYS A 90 6.05 -10.45 14.03
C LYS A 90 4.66 -10.13 14.57
N ASN A 91 3.73 -9.84 13.68
CA ASN A 91 2.36 -9.51 14.06
C ASN A 91 1.44 -9.77 12.88
N LEU A 92 0.14 -9.69 13.11
CA LEU A 92 -0.84 -9.97 12.05
C LEU A 92 -0.78 -8.93 10.94
N HIS A 93 -0.51 -7.67 11.31
CA HIS A 93 -0.47 -6.60 10.32
C HIS A 93 0.54 -6.90 9.21
N GLU A 94 1.71 -7.40 9.57
CA GLU A 94 2.76 -7.70 8.59
C GLU A 94 2.30 -8.79 7.63
N PHE A 95 1.61 -9.79 8.17
CA PHE A 95 1.06 -10.89 7.38
C PHE A 95 0.01 -10.35 6.42
N GLU A 96 -0.89 -9.51 6.94
CA GLU A 96 -1.94 -8.91 6.11
CA GLU A 96 -1.94 -8.93 6.10
C GLU A 96 -1.37 -8.04 4.98
N GLU A 97 -0.28 -7.35 5.26
N GLU A 97 -0.27 -7.36 5.26
CA GLU A 97 0.37 -6.52 4.26
CA GLU A 97 0.33 -6.50 4.24
C GLU A 97 0.77 -7.34 3.04
C GLU A 97 0.85 -7.31 3.04
N ASP A 98 1.32 -8.52 3.31
CA ASP A 98 1.77 -9.40 2.23
C ASP A 98 0.58 -10.00 1.48
N PHE A 99 -0.48 -10.34 2.20
CA PHE A 99 -1.69 -10.86 1.54
C PHE A 99 -2.29 -9.77 0.64
N ASP A 100 -2.34 -8.55 1.15
CA ASP A 100 -2.86 -7.44 0.35
C ASP A 100 -2.01 -7.21 -0.90
N LEU A 101 -0.70 -7.45 -0.81
CA LEU A 101 0.17 -7.32 -1.98
C LEU A 101 -0.23 -8.29 -3.08
N ILE A 102 -0.55 -9.53 -2.70
CA ILE A 102 -0.93 -10.53 -3.69
C ILE A 102 -2.12 -10.03 -4.51
N ILE A 103 -3.13 -9.56 -3.78
CA ILE A 103 -4.37 -9.07 -4.39
CA ILE A 103 -4.37 -9.08 -4.39
C ILE A 103 -4.14 -7.78 -5.19
N ASP A 104 -3.52 -6.81 -4.55
CA ASP A 104 -3.35 -5.50 -5.16
C ASP A 104 -2.46 -5.52 -6.40
N ASN A 105 -1.41 -6.33 -6.39
CA ASN A 105 -0.51 -6.46 -7.54
C ASN A 105 -1.28 -6.96 -8.74
N CYS A 106 -2.08 -7.98 -8.49
CA CYS A 106 -2.87 -8.64 -9.53
C CYS A 106 -3.88 -7.68 -10.14
N MET A 107 -4.53 -6.88 -9.29
CA MET A 107 -5.58 -6.00 -9.76
C MET A 107 -4.99 -4.79 -10.49
N LYS A 108 -3.68 -4.55 -10.37
CA LYS A 108 -3.09 -3.48 -11.18
CA LYS A 108 -3.02 -3.50 -11.16
C LYS A 108 -2.60 -4.02 -12.52
N TYR A 109 -1.88 -5.13 -12.49
CA TYR A 109 -1.27 -5.69 -13.70
C TYR A 109 -2.31 -6.18 -14.70
N ASN A 110 -3.38 -6.77 -14.16
CA ASN A 110 -4.40 -7.41 -15.00
C ASN A 110 -5.66 -6.55 -15.10
N ALA A 111 -6.30 -6.56 -16.27
CA ALA A 111 -7.49 -5.76 -16.47
C ALA A 111 -8.72 -6.38 -15.82
N ARG A 112 -9.75 -5.58 -15.61
CA ARG A 112 -11.00 -6.05 -14.99
C ARG A 112 -11.68 -7.24 -15.64
N ASP A 113 -11.52 -7.40 -16.94
CA ASP A 113 -12.23 -8.45 -17.65
C ASP A 113 -11.44 -9.76 -17.73
N THR A 114 -10.46 -9.93 -16.85
CA THR A 114 -9.60 -11.11 -16.91
C THR A 114 -9.87 -12.07 -15.77
N VAL A 115 -9.61 -13.34 -16.02
CA VAL A 115 -9.77 -14.37 -14.99
C VAL A 115 -8.85 -14.09 -13.80
N PHE A 116 -7.68 -13.50 -14.07
CA PHE A 116 -6.76 -13.15 -13.00
C PHE A 116 -7.32 -12.08 -12.04
N TYR A 117 -7.79 -10.98 -12.60
CA TYR A 117 -8.36 -9.90 -11.78
C TYR A 117 -9.53 -10.41 -10.98
N ARG A 118 -10.41 -11.16 -11.64
CA ARG A 118 -11.62 -11.63 -10.97
C ARG A 118 -11.28 -12.61 -9.86
N ALA A 119 -10.22 -13.40 -10.05
CA ALA A 119 -9.81 -14.33 -9.00
C ALA A 119 -9.31 -13.55 -7.77
N ALA A 120 -8.66 -12.43 -8.00
CA ALA A 120 -8.18 -11.60 -6.90
C ALA A 120 -9.34 -10.95 -6.13
N VAL A 121 -10.38 -10.52 -6.84
CA VAL A 121 -11.53 -9.94 -6.15
C VAL A 121 -12.18 -10.96 -5.23
N ARG A 122 -12.33 -12.18 -5.73
CA ARG A 122 -12.97 -13.26 -4.98
C ARG A 122 -12.13 -13.67 -3.78
N LEU A 123 -10.81 -13.70 -3.96
CA LEU A 123 -9.90 -13.99 -2.85
C LEU A 123 -9.96 -12.91 -1.78
N ARG A 124 -9.98 -11.65 -2.20
CA ARG A 124 -10.11 -10.53 -1.29
CA ARG A 124 -10.10 -10.55 -1.25
C ARG A 124 -11.40 -10.61 -0.46
N ASP A 125 -12.51 -10.86 -1.14
CA ASP A 125 -13.81 -10.88 -0.47
C ASP A 125 -13.91 -12.02 0.52
N GLN A 126 -13.51 -13.21 0.09
CA GLN A 126 -13.61 -14.40 0.93
C GLN A 126 -12.55 -14.40 2.03
N GLY A 127 -11.39 -13.83 1.74
CA GLY A 127 -10.32 -13.76 2.71
C GLY A 127 -10.65 -12.81 3.85
N GLY A 128 -11.47 -11.81 3.56
CA GLY A 128 -11.89 -10.83 4.55
C GLY A 128 -12.54 -11.48 5.76
N VAL A 129 -13.38 -12.47 5.49
CA VAL A 129 -14.05 -13.22 6.54
C VAL A 129 -13.04 -13.84 7.51
N VAL A 130 -12.04 -14.49 6.92
CA VAL A 130 -11.01 -15.22 7.65
C VAL A 130 -10.14 -14.29 8.50
N LEU A 131 -9.74 -13.18 7.89
CA LEU A 131 -8.88 -12.22 8.57
C LEU A 131 -9.62 -11.47 9.68
N ARG A 132 -10.93 -11.32 9.54
CA ARG A 132 -11.73 -10.65 10.55
C ARG A 132 -11.68 -11.40 11.89
N GLN A 133 -11.83 -12.72 11.82
CA GLN A 133 -11.82 -13.52 13.04
C GLN A 133 -10.38 -13.78 13.51
N ALA A 134 -9.44 -13.84 12.58
CA ALA A 134 -8.02 -13.97 12.96
C ALA A 134 -7.57 -12.79 13.82
N ARG A 135 -8.04 -11.58 13.49
CA ARG A 135 -7.69 -10.41 14.28
C ARG A 135 -8.25 -10.53 15.69
N ARG A 136 -9.49 -10.97 15.80
CA ARG A 136 -10.09 -11.19 17.11
C ARG A 136 -9.28 -12.20 17.93
N GLU A 137 -8.82 -13.28 17.28
CA GLU A 137 -8.08 -14.34 17.98
C GLU A 137 -6.69 -13.90 18.45
N VAL A 138 -6.01 -13.10 17.63
CA VAL A 138 -4.69 -12.59 17.97
C VAL A 138 -4.81 -11.65 19.17
N ASP A 139 -5.81 -10.78 19.15
CA ASP A 139 -6.08 -9.90 20.28
C ASP A 139 -6.49 -10.67 21.54
N SER A 140 -7.43 -11.58 21.39
CA SER A 140 -8.01 -12.31 22.52
C SER A 140 -6.97 -13.17 23.23
N ILE A 141 -6.26 -14.00 22.46
CA ILE A 141 -5.23 -14.85 23.01
C ILE A 141 -3.98 -14.06 23.36
N GLY A 142 -3.89 -12.85 22.84
CA GLY A 142 -2.76 -11.96 23.11
C GLY A 142 -1.45 -12.49 22.55
N LEU A 143 -1.32 -12.43 21.24
CA LEU A 143 -0.14 -12.97 20.55
C LEU A 143 0.76 -11.87 20.00
N GLU A 144 0.45 -10.63 20.37
CA GLU A 144 1.12 -9.46 19.80
C GLU A 144 1.24 -8.33 20.82
N SER B 22 6.66 27.81 26.48
CA SER B 22 7.83 26.97 26.72
C SER B 22 8.60 26.72 25.45
N MET B 23 9.90 26.47 25.57
CA MET B 23 10.71 26.20 24.39
C MET B 23 10.32 24.86 23.76
N GLU B 24 9.72 23.98 24.55
CA GLU B 24 9.17 22.72 24.02
C GLU B 24 8.05 22.99 23.02
N GLN B 25 7.19 23.95 23.34
CA GLN B 25 6.12 24.38 22.42
C GLN B 25 6.66 25.05 21.16
N VAL B 26 7.66 25.91 21.34
CA VAL B 26 8.33 26.54 20.21
C VAL B 26 8.88 25.49 19.26
N ALA B 27 9.55 24.47 19.80
CA ALA B 27 10.13 23.44 18.94
C ALA B 27 9.06 22.65 18.20
N MET B 28 7.94 22.37 18.86
CA MET B 28 6.86 21.63 18.23
CA MET B 28 6.88 21.61 18.22
C MET B 28 6.26 22.41 17.09
N GLU B 29 6.05 23.70 17.32
CA GLU B 29 5.48 24.56 16.28
C GLU B 29 6.48 24.73 15.12
N LEU B 30 7.77 24.82 15.40
CA LEU B 30 8.76 24.84 14.32
C LEU B 30 8.77 23.55 13.48
N ARG B 31 8.68 22.41 14.15
CA ARG B 31 8.65 21.12 13.43
C ARG B 31 7.40 21.04 12.54
N LEU B 32 6.28 21.57 13.06
CA LEU B 32 5.03 21.63 12.28
C LEU B 32 5.18 22.51 11.05
N THR B 33 5.74 23.70 11.21
CA THR B 33 5.80 24.62 10.07
C THR B 33 6.82 24.16 9.03
N GLU B 34 7.90 23.55 9.51
CA GLU B 34 8.93 23.04 8.60
C GLU B 34 8.48 21.80 7.84
N LEU B 35 7.78 20.89 8.50
CA LEU B 35 7.15 19.77 7.79
C LEU B 35 6.20 20.29 6.70
N THR B 36 5.39 21.28 7.04
CA THR B 36 4.44 21.84 6.06
C THR B 36 5.15 22.47 4.87
N ARG B 37 6.23 23.21 5.14
CA ARG B 37 7.04 23.79 4.08
CA ARG B 37 7.03 23.78 4.07
C ARG B 37 7.55 22.70 3.14
N LEU B 38 8.07 21.64 3.73
CA LEU B 38 8.60 20.51 2.95
C LEU B 38 7.52 19.85 2.10
N LEU B 39 6.38 19.54 2.70
CA LEU B 39 5.32 18.82 1.99
C LEU B 39 4.74 19.70 0.89
N ARG B 40 4.66 21.00 1.15
CA ARG B 40 4.18 21.93 0.13
C ARG B 40 5.12 21.91 -1.09
N SER B 41 6.43 21.91 -0.84
CA SER B 41 7.39 21.82 -1.95
C SER B 41 7.26 20.50 -2.70
N VAL B 42 7.13 19.40 -1.96
CA VAL B 42 6.93 18.10 -2.57
C VAL B 42 5.68 18.07 -3.46
N LEU B 43 4.57 18.57 -2.94
CA LEU B 43 3.34 18.55 -3.72
C LEU B 43 3.47 19.41 -4.99
N ASP B 44 4.12 20.56 -4.87
N ASP B 44 4.14 20.55 -4.85
CA ASP B 44 4.32 21.41 -6.04
CA ASP B 44 4.38 21.44 -5.98
C ASP B 44 5.17 20.69 -7.08
C ASP B 44 5.19 20.73 -7.05
N GLN B 45 6.22 20.00 -6.61
CA GLN B 45 7.09 19.25 -7.52
C GLN B 45 6.32 18.13 -8.22
N LEU B 46 5.43 17.48 -7.49
CA LEU B 46 4.67 16.37 -8.08
C LEU B 46 3.70 16.89 -9.12
N GLN B 47 2.94 17.93 -8.78
CA GLN B 47 1.98 18.49 -9.74
C GLN B 47 2.64 19.09 -10.98
N ASP B 48 3.83 19.66 -10.83
CA ASP B 48 4.54 20.23 -11.97
CA ASP B 48 4.55 20.22 -11.98
C ASP B 48 4.84 19.16 -13.02
N LYS B 49 4.85 17.89 -12.60
CA LYS B 49 5.12 16.76 -13.48
C LYS B 49 3.86 16.24 -14.17
N ASP B 50 2.72 16.86 -13.88
CA ASP B 50 1.44 16.43 -14.46
C ASP B 50 0.74 17.60 -15.19
N PRO B 51 1.38 18.10 -16.27
CA PRO B 51 0.79 19.24 -16.98
C PRO B 51 -0.54 18.90 -17.66
N ALA B 52 -0.79 17.62 -17.93
CA ALA B 52 -2.08 17.22 -18.50
C ALA B 52 -3.20 17.23 -17.45
N ARG B 53 -2.83 17.48 -16.20
CA ARG B 53 -3.77 17.56 -15.08
CA ARG B 53 -3.77 17.56 -15.08
C ARG B 53 -4.58 16.27 -14.93
N ILE B 54 -3.95 15.13 -15.19
CA ILE B 54 -4.63 13.85 -15.05
C ILE B 54 -4.98 13.53 -13.58
N PHE B 55 -4.11 13.96 -12.66
CA PHE B 55 -4.30 13.68 -11.24
C PHE B 55 -4.67 14.93 -10.44
N ALA B 56 -5.00 16.01 -11.13
CA ALA B 56 -5.19 17.30 -10.46
C ALA B 56 -6.47 17.40 -9.60
N GLN B 57 -7.52 16.71 -10.02
CA GLN B 57 -8.85 16.84 -9.41
C GLN B 57 -9.49 15.46 -9.26
N PRO B 58 -10.48 15.32 -8.37
CA PRO B 58 -11.19 14.03 -8.28
C PRO B 58 -11.72 13.58 -9.63
N VAL B 59 -11.66 12.28 -9.89
CA VAL B 59 -12.29 11.71 -11.07
C VAL B 59 -13.77 12.07 -11.04
N SER B 60 -14.30 12.51 -12.18
CA SER B 60 -15.70 12.91 -12.29
C SER B 60 -16.63 11.71 -12.44
N LEU B 61 -17.61 11.60 -11.53
CA LEU B 61 -18.55 10.49 -11.60
C LEU B 61 -19.50 10.66 -12.77
N LYS B 62 -19.70 11.89 -13.23
CA LYS B 62 -20.51 12.13 -14.41
C LYS B 62 -19.81 11.49 -15.61
N GLU B 63 -18.53 11.77 -15.77
CA GLU B 63 -17.74 11.23 -16.88
C GLU B 63 -17.38 9.76 -16.70
N VAL B 64 -17.26 9.31 -15.45
CA VAL B 64 -16.88 7.93 -15.16
C VAL B 64 -17.83 7.32 -14.14
N PRO B 65 -19.05 6.95 -14.59
CA PRO B 65 -20.07 6.54 -13.61
C PRO B 65 -19.76 5.26 -12.85
N ASP B 66 -18.87 4.42 -13.37
CA ASP B 66 -18.57 3.18 -12.64
C ASP B 66 -17.34 3.28 -11.74
N TYR B 67 -16.79 4.48 -11.57
CA TYR B 67 -15.51 4.61 -10.85
C TYR B 67 -15.57 4.04 -9.43
N LEU B 68 -16.64 4.35 -8.70
CA LEU B 68 -16.75 3.90 -7.31
C LEU B 68 -17.16 2.43 -7.18
N ASP B 69 -17.58 1.80 -8.28
CA ASP B 69 -17.76 0.34 -8.27
C ASP B 69 -16.44 -0.35 -7.96
N HIS B 70 -15.35 0.30 -8.35
CA HIS B 70 -14.03 -0.33 -8.32
C HIS B 70 -13.03 0.33 -7.38
N ILE B 71 -13.13 1.65 -7.23
CA ILE B 71 -12.17 2.37 -6.40
C ILE B 71 -12.82 2.80 -5.08
N LYS B 72 -12.32 2.25 -3.99
CA LYS B 72 -12.93 2.47 -2.68
C LYS B 72 -12.54 3.79 -2.03
N HIS B 73 -11.31 4.25 -2.27
CA HIS B 73 -10.87 5.53 -1.73
C HIS B 73 -10.22 6.44 -2.77
N PRO B 74 -11.03 7.25 -3.45
CA PRO B 74 -10.47 8.15 -4.46
C PRO B 74 -9.48 9.16 -3.87
N MET B 75 -8.49 9.57 -4.64
CA MET B 75 -7.55 10.60 -4.21
C MET B 75 -7.05 11.37 -5.42
N ASP B 76 -6.56 12.59 -5.18
CA ASP B 76 -6.12 13.51 -6.23
C ASP B 76 -5.32 14.64 -5.58
N PHE B 77 -4.59 15.41 -6.39
CA PHE B 77 -3.68 16.41 -5.85
C PHE B 77 -4.40 17.56 -5.15
N ALA B 78 -5.58 17.93 -5.64
CA ALA B 78 -6.35 19.01 -5.00
C ALA B 78 -6.79 18.62 -3.60
N THR B 79 -7.22 17.37 -3.45
CA THR B 79 -7.66 16.85 -2.17
C THR B 79 -6.48 16.78 -1.21
N MET B 80 -5.32 16.36 -1.72
CA MET B 80 -4.10 16.39 -0.92
C MET B 80 -3.73 17.81 -0.48
N ARG B 81 -3.86 18.77 -1.39
CA ARG B 81 -3.47 20.15 -1.05
C ARG B 81 -4.39 20.72 0.04
N LYS B 82 -5.67 20.38 -0.03
CA LYS B 82 -6.64 20.78 0.98
C LYS B 82 -6.26 20.21 2.34
N ARG B 83 -5.91 18.92 2.37
CA ARG B 83 -5.52 18.28 3.61
C ARG B 83 -4.24 18.90 4.15
N LEU B 84 -3.26 19.12 3.29
CA LEU B 84 -2.00 19.76 3.68
C LEU B 84 -2.20 21.13 4.33
N GLU B 85 -2.93 22.00 3.66
CA GLU B 85 -3.03 23.38 4.12
C GLU B 85 -3.94 23.50 5.33
N ALA B 86 -4.71 22.44 5.61
CA ALA B 86 -5.57 22.39 6.78
C ALA B 86 -4.88 21.78 7.98
N GLN B 87 -3.59 21.52 7.86
CA GLN B 87 -2.79 20.88 8.89
C GLN B 87 -3.20 19.43 9.16
N GLY B 88 -3.65 18.73 8.12
CA GLY B 88 -4.11 17.35 8.25
C GLY B 88 -3.08 16.24 8.05
N TYR B 89 -1.85 16.58 7.69
CA TYR B 89 -0.77 15.59 7.62
C TYR B 89 0.14 15.71 8.83
N LYS B 90 0.14 14.68 9.66
CA LYS B 90 0.95 14.68 10.89
C LYS B 90 2.43 14.37 10.62
N ASN B 91 2.69 13.64 9.53
CA ASN B 91 4.04 13.24 9.17
C ASN B 91 4.14 12.96 7.68
N LEU B 92 5.35 12.72 7.19
CA LEU B 92 5.57 12.43 5.77
C LEU B 92 4.87 11.15 5.32
N HIS B 93 4.88 10.13 6.17
CA HIS B 93 4.26 8.87 5.79
C HIS B 93 2.78 9.03 5.42
N GLU B 94 2.04 9.84 6.18
CA GLU B 94 0.62 10.08 5.87
C GLU B 94 0.45 10.70 4.48
N PHE B 95 1.34 11.62 4.15
CA PHE B 95 1.36 12.25 2.83
C PHE B 95 1.68 11.19 1.75
N GLU B 96 2.72 10.39 2.01
CA GLU B 96 3.10 9.30 1.11
CA GLU B 96 3.11 9.31 1.10
C GLU B 96 1.94 8.36 0.82
N GLU B 97 1.19 8.00 1.86
CA GLU B 97 0.04 7.11 1.68
C GLU B 97 -1.01 7.69 0.73
N ASP B 98 -1.27 8.99 0.81
CA ASP B 98 -2.23 9.59 -0.11
C ASP B 98 -1.67 9.60 -1.54
N PHE B 99 -0.37 9.85 -1.69
CA PHE B 99 0.23 9.82 -3.03
C PHE B 99 0.11 8.43 -3.61
N ASP B 100 0.38 7.41 -2.78
CA ASP B 100 0.28 6.05 -3.26
C ASP B 100 -1.16 5.71 -3.67
N LEU B 101 -2.16 6.32 -3.01
CA LEU B 101 -3.55 6.10 -3.40
C LEU B 101 -3.80 6.59 -4.82
N ILE B 102 -3.30 7.79 -5.13
CA ILE B 102 -3.47 8.35 -6.45
C ILE B 102 -2.93 7.38 -7.52
N ILE B 103 -1.71 6.89 -7.29
CA ILE B 103 -1.04 6.00 -8.22
C ILE B 103 -1.73 4.64 -8.31
N ASP B 104 -1.99 4.04 -7.16
CA ASP B 104 -2.58 2.71 -7.13
C ASP B 104 -3.99 2.69 -7.72
N ASN B 105 -4.78 3.73 -7.43
CA ASN B 105 -6.14 3.78 -7.96
C ASN B 105 -6.12 3.81 -9.48
N CYS B 106 -5.20 4.59 -10.02
CA CYS B 106 -5.08 4.75 -11.46
C CYS B 106 -4.60 3.46 -12.13
N MET B 107 -3.62 2.79 -11.52
CA MET B 107 -3.14 1.53 -12.07
C MET B 107 -4.19 0.43 -11.92
N LYS B 108 -5.03 0.52 -10.91
CA LYS B 108 -6.11 -0.45 -10.72
CA LYS B 108 -6.11 -0.44 -10.72
C LYS B 108 -7.26 -0.23 -11.71
N TYR B 109 -7.63 1.04 -11.90
CA TYR B 109 -8.78 1.34 -12.76
C TYR B 109 -8.47 1.21 -14.26
N ASN B 110 -7.26 1.57 -14.67
CA ASN B 110 -6.91 1.55 -16.09
C ASN B 110 -6.14 0.30 -16.49
N ALA B 111 -6.39 -0.20 -17.71
CA ALA B 111 -5.60 -1.30 -18.26
C ALA B 111 -4.14 -0.90 -18.46
N ARG B 112 -3.21 -1.85 -18.38
CA ARG B 112 -1.79 -1.48 -18.34
C ARG B 112 -1.30 -0.91 -19.66
N ASP B 113 -1.92 -1.31 -20.77
CA ASP B 113 -1.52 -0.78 -22.06
C ASP B 113 -2.40 0.43 -22.40
N THR B 114 -2.39 1.45 -21.53
CA THR B 114 -3.11 2.71 -21.75
C THR B 114 -2.28 3.92 -21.33
N VAL B 115 -2.63 5.08 -21.87
CA VAL B 115 -1.90 6.32 -21.58
C VAL B 115 -2.01 6.74 -20.12
N PHE B 116 -3.20 6.60 -19.53
CA PHE B 116 -3.35 7.00 -18.12
C PHE B 116 -2.60 6.05 -17.18
N TYR B 117 -2.61 4.75 -17.48
CA TYR B 117 -1.84 3.80 -16.66
C TYR B 117 -0.35 4.13 -16.75
N ARG B 118 0.14 4.38 -17.96
CA ARG B 118 1.54 4.72 -18.08
C ARG B 118 1.87 6.07 -17.42
N ALA B 119 0.91 6.99 -17.37
CA ALA B 119 1.15 8.25 -16.66
C ALA B 119 1.36 7.99 -15.17
N ALA B 120 0.59 7.04 -14.63
CA ALA B 120 0.73 6.71 -13.19
C ALA B 120 2.08 6.06 -12.92
N VAL B 121 2.49 5.18 -13.82
CA VAL B 121 3.80 4.53 -13.66
C VAL B 121 4.92 5.58 -13.72
N ARG B 122 4.76 6.55 -14.61
CA ARG B 122 5.72 7.64 -14.74
C ARG B 122 5.80 8.48 -13.46
N LEU B 123 4.64 8.92 -12.96
CA LEU B 123 4.59 9.73 -11.76
C LEU B 123 5.05 8.93 -10.53
N ARG B 124 4.79 7.62 -10.53
CA ARG B 124 5.29 6.77 -9.43
C ARG B 124 6.82 6.77 -9.37
N ASP B 125 7.46 6.59 -10.53
CA ASP B 125 8.93 6.61 -10.64
C ASP B 125 9.49 7.93 -10.17
N GLN B 126 8.96 9.01 -10.73
CA GLN B 126 9.47 10.35 -10.43
C GLN B 126 9.14 10.71 -8.99
N GLY B 127 7.95 10.33 -8.55
CA GLY B 127 7.47 10.71 -7.23
C GLY B 127 8.24 9.96 -6.16
N GLY B 128 8.60 8.72 -6.47
CA GLY B 128 9.40 7.91 -5.58
C GLY B 128 10.72 8.59 -5.24
N VAL B 129 11.37 9.15 -6.25
CA VAL B 129 12.64 9.84 -6.05
C VAL B 129 12.44 11.09 -5.20
N VAL B 130 11.39 11.85 -5.50
CA VAL B 130 11.11 13.07 -4.74
C VAL B 130 10.85 12.73 -3.27
N LEU B 131 10.07 11.68 -3.05
CA LEU B 131 9.69 11.30 -1.69
C LEU B 131 10.85 10.70 -0.91
N ARG B 132 11.77 10.02 -1.59
CA ARG B 132 12.96 9.51 -0.89
C ARG B 132 13.85 10.68 -0.45
N GLN B 133 13.93 11.71 -1.27
CA GLN B 133 14.67 12.92 -0.94
C GLN B 133 13.98 13.68 0.20
N ALA B 134 12.66 13.68 0.20
CA ALA B 134 11.91 14.29 1.29
C ALA B 134 12.24 13.58 2.61
N ARG B 135 12.39 12.26 2.56
CA ARG B 135 12.72 11.48 3.75
C ARG B 135 14.11 11.87 4.28
N ARG B 136 15.07 12.00 3.38
CA ARG B 136 16.39 12.51 3.75
C ARG B 136 16.29 13.88 4.42
N GLU B 137 15.42 14.74 3.90
CA GLU B 137 15.25 16.06 4.49
C GLU B 137 14.57 16.01 5.87
N VAL B 138 13.60 15.12 6.01
CA VAL B 138 12.95 14.93 7.30
C VAL B 138 14.02 14.58 8.34
N ASP B 139 14.92 13.69 7.96
CA ASP B 139 15.97 13.26 8.88
C ASP B 139 16.97 14.37 9.18
N SER B 140 17.35 15.09 8.13
CA SER B 140 18.36 16.14 8.27
C SER B 140 17.83 17.30 9.10
N ILE B 141 16.58 17.68 8.87
CA ILE B 141 15.96 18.81 9.56
C ILE B 141 15.54 18.46 11.00
N GLY B 142 15.28 17.17 11.24
CA GLY B 142 14.92 16.69 12.56
C GLY B 142 13.43 16.73 12.84
N LEU B 143 12.63 16.38 11.83
CA LEU B 143 11.18 16.57 11.91
C LEU B 143 10.46 15.43 12.61
N GLU B 144 11.14 14.30 12.81
CA GLU B 144 10.57 13.22 13.62
C GLU B 144 11.43 12.89 14.84
#